data_4FMQ
#
_entry.id   4FMQ
#
_cell.length_a   45.032
_cell.length_b   65.657
_cell.length_c   117.228
_cell.angle_alpha   90.00
_cell.angle_beta   90.00
_cell.angle_gamma   90.00
#
_symmetry.space_group_name_H-M   'P 21 21 21'
#
loop_
_entity.id
_entity.type
_entity.pdbx_description
1 polymer 'Mitogen-activated protein kinase 1'
2 polymer 'MAPK DOCKING PEPTIDE'
3 non-polymer 'PHOSPHOAMINOPHOSPHONIC ACID-ADENYLATE ESTER'
4 water water
#
loop_
_entity_poly.entity_id
_entity_poly.type
_entity_poly.pdbx_seq_one_letter_code
_entity_poly.pdbx_strand_id
1 'polypeptide(L)'
;GSMAAAAAAGAGPEMVRGQVFDVGPRYTNLSYIGEGAYGMVCSAYDNVNKVRVAIKKISPFEHQTYCQRTLREIKILLRF
RHENIIGINDIIRAPTIEQMKDVYIVQDLMETDLYKLLKTQHLSNDHICYFLYQILRGLKYIHSANVLHRDLKPSNLLLN
TTCDLKICDFGLARVADPDHDHTGFLTEYVATRWYRAPEIMLNSKGYTKSIDIWSVGCILAEMLSNRPIFPGKHYLDQLN
HILGILGSPSQEDLNCIINLKARNYLLSLPHKNKVPWNRLFPNADSKALDLLDKMLTFNPHKRIEVEQALAHPYLEQYYD
PSDEPIAEAPFKFDMELDDLPKEKLKELIFEETARFQPGYRS
;
A
2 'polypeptide(L)' LSLSSLAASSLAKRRQQ B
#
loop_
_chem_comp.id
_chem_comp.type
_chem_comp.name
_chem_comp.formula
ANP non-polymer 'PHOSPHOAMINOPHOSPHONIC ACID-ADENYLATE ESTER' 'C10 H17 N6 O12 P3'
#
# COMPACT_ATOMS: atom_id res chain seq x y z
N ALA A 11 -19.97 -32.68 -3.29
CA ALA A 11 -18.67 -33.28 -3.04
C ALA A 11 -17.58 -32.57 -3.83
N GLY A 12 -16.37 -32.56 -3.28
CA GLY A 12 -15.25 -31.87 -3.91
C GLY A 12 -15.03 -30.49 -3.30
N PRO A 13 -13.79 -29.98 -3.37
CA PRO A 13 -13.52 -28.61 -2.96
C PRO A 13 -13.79 -27.63 -4.09
N GLU A 14 -14.40 -26.49 -3.79
CA GLU A 14 -14.77 -25.52 -4.81
C GLU A 14 -13.58 -25.04 -5.63
N MET A 15 -13.85 -24.67 -6.87
CA MET A 15 -12.83 -24.14 -7.77
C MET A 15 -13.19 -22.72 -8.18
N VAL A 16 -12.17 -21.88 -8.36
CA VAL A 16 -12.38 -20.51 -8.81
C VAL A 16 -11.47 -20.21 -9.99
N ARG A 17 -12.06 -19.76 -11.09
CA ARG A 17 -11.35 -19.50 -12.34
C ARG A 17 -10.25 -20.54 -12.59
N GLY A 18 -10.54 -21.80 -12.32
CA GLY A 18 -9.67 -22.89 -12.73
C GLY A 18 -8.82 -23.56 -11.67
N GLN A 19 -8.65 -22.95 -10.51
CA GLN A 19 -7.79 -23.56 -9.48
C GLN A 19 -8.47 -23.76 -8.14
N VAL A 20 -8.04 -24.83 -7.46
CA VAL A 20 -8.57 -25.21 -6.15
C VAL A 20 -8.61 -24.06 -5.15
N PHE A 21 -9.67 -24.03 -4.35
CA PHE A 21 -9.79 -23.09 -3.23
C PHE A 21 -10.33 -23.88 -2.04
N ASP A 22 -9.41 -24.47 -1.29
CA ASP A 22 -9.74 -25.44 -0.26
C ASP A 22 -9.98 -24.77 1.10
N VAL A 23 -11.11 -24.10 1.24
CA VAL A 23 -11.37 -23.34 2.46
C VAL A 23 -12.61 -23.81 3.21
N GLY A 24 -13.25 -24.87 2.73
CA GLY A 24 -14.39 -25.45 3.42
C GLY A 24 -13.93 -26.36 4.54
N PRO A 25 -14.85 -26.68 5.47
CA PRO A 25 -16.26 -26.30 5.39
C PRO A 25 -16.61 -24.92 5.98
N ARG A 26 -15.69 -24.28 6.69
CA ARG A 26 -16.01 -22.99 7.29
C ARG A 26 -16.43 -21.96 6.23
N TYR A 27 -15.66 -21.88 5.15
CA TYR A 27 -15.93 -20.90 4.10
C TYR A 27 -16.47 -21.56 2.83
N THR A 28 -17.64 -21.09 2.38
CA THR A 28 -18.33 -21.71 1.25
C THR A 28 -18.87 -20.65 0.28
N ASN A 29 -19.48 -21.11 -0.81
CA ASN A 29 -20.05 -20.21 -1.80
C ASN A 29 -19.06 -19.16 -2.30
N LEU A 30 -17.96 -19.63 -2.89
CA LEU A 30 -16.88 -18.74 -3.33
C LEU A 30 -17.26 -17.96 -4.58
N SER A 31 -16.75 -16.74 -4.68
CA SER A 31 -16.96 -15.89 -5.85
C SER A 31 -15.67 -15.12 -6.15
N TYR A 32 -15.29 -15.09 -7.41
CA TYR A 32 -14.05 -14.43 -7.83
C TYR A 32 -14.12 -12.91 -7.65
N ILE A 33 -13.06 -12.33 -7.11
CA ILE A 33 -12.95 -10.86 -6.96
C ILE A 33 -11.87 -10.29 -7.88
N GLY A 34 -10.74 -10.97 -7.97
CA GLY A 34 -9.61 -10.50 -8.75
C GLY A 34 -8.31 -11.14 -8.33
N GLU A 35 -7.20 -10.70 -8.96
CA GLU A 35 -5.87 -11.20 -8.62
C GLU A 35 -4.90 -10.04 -8.64
N GLY A 36 -3.82 -10.18 -7.88
CA GLY A 36 -2.68 -9.29 -8.02
C GLY A 36 -1.58 -10.08 -8.69
N ALA A 37 -0.34 -9.60 -8.58
CA ALA A 37 0.81 -10.29 -9.14
C ALA A 37 1.13 -11.57 -8.37
N TYR A 38 0.50 -11.75 -7.21
CA TYR A 38 0.94 -12.78 -6.26
C TYR A 38 -0.18 -13.64 -5.68
N GLY A 39 -1.37 -13.07 -5.50
CA GLY A 39 -2.48 -13.82 -4.92
C GLY A 39 -3.75 -13.68 -5.71
N MET A 40 -4.61 -14.69 -5.63
CA MET A 40 -5.96 -14.60 -6.17
C MET A 40 -6.93 -14.41 -5.02
N VAL A 41 -7.83 -13.45 -5.18
CA VAL A 41 -8.76 -13.07 -4.12
C VAL A 41 -10.20 -13.42 -4.48
N CYS A 42 -10.89 -14.11 -3.58
CA CYS A 42 -12.30 -14.44 -3.74
CA CYS A 42 -12.30 -14.41 -3.75
C CYS A 42 -13.10 -13.95 -2.53
N SER A 43 -14.40 -13.75 -2.71
CA SER A 43 -15.29 -13.50 -1.60
C SER A 43 -15.90 -14.85 -1.21
N ALA A 44 -16.31 -14.99 0.03
CA ALA A 44 -16.79 -16.27 0.54
C ALA A 44 -17.70 -16.05 1.72
N TYR A 45 -18.52 -17.05 2.05
CA TYR A 45 -19.37 -16.99 3.23
C TYR A 45 -18.70 -17.69 4.40
N ASP A 46 -18.47 -16.93 5.46
CA ASP A 46 -17.91 -17.46 6.70
C ASP A 46 -19.07 -18.01 7.52
N ASN A 47 -19.11 -19.33 7.69
CA ASN A 47 -20.22 -19.98 8.37
C ASN A 47 -20.12 -19.92 9.90
N VAL A 48 -18.96 -19.52 10.40
CA VAL A 48 -18.80 -19.31 11.84
C VAL A 48 -19.33 -17.93 12.23
N ASN A 49 -18.84 -16.89 11.57
CA ASN A 49 -19.23 -15.52 11.86
C ASN A 49 -20.48 -15.07 11.10
N LYS A 50 -20.97 -15.91 10.20
CA LYS A 50 -22.19 -15.63 9.45
C LYS A 50 -22.08 -14.31 8.68
N VAL A 51 -20.99 -14.15 7.94
CA VAL A 51 -20.76 -12.93 7.17
C VAL A 51 -19.86 -13.25 5.99
N ARG A 52 -19.98 -12.50 4.90
CA ARG A 52 -19.11 -12.70 3.76
C ARG A 52 -17.76 -12.02 3.99
N VAL A 53 -16.70 -12.70 3.57
CA VAL A 53 -15.33 -12.27 3.80
C VAL A 53 -14.55 -12.33 2.49
N ALA A 54 -13.33 -11.80 2.51
CA ALA A 54 -12.39 -11.95 1.40
C ALA A 54 -11.36 -13.01 1.79
N ILE A 55 -10.88 -13.75 0.80
CA ILE A 55 -9.84 -14.76 1.02
C ILE A 55 -8.82 -14.69 -0.10
N LYS A 56 -7.58 -14.38 0.25
CA LYS A 56 -6.50 -14.36 -0.73
C LYS A 56 -5.69 -15.66 -0.67
N LYS A 57 -5.64 -16.36 -1.80
CA LYS A 57 -4.80 -17.55 -1.92
C LYS A 57 -3.42 -17.18 -2.45
N ILE A 58 -2.37 -17.70 -1.80
CA ILE A 58 -1.01 -17.57 -2.31
C ILE A 58 -0.32 -18.93 -2.28
N SER A 59 0.53 -19.18 -3.27
CA SER A 59 1.27 -20.44 -3.35
C SER A 59 2.75 -20.10 -3.52
N PRO A 60 3.41 -19.73 -2.42
CA PRO A 60 4.71 -19.04 -2.43
C PRO A 60 5.95 -19.92 -2.22
N PHE A 61 5.77 -21.17 -1.80
CA PHE A 61 6.86 -21.95 -1.22
C PHE A 61 7.94 -22.43 -2.18
N GLU A 62 7.81 -22.14 -3.47
CA GLU A 62 8.85 -22.49 -4.44
C GLU A 62 9.78 -21.31 -4.74
N HIS A 63 9.45 -20.14 -4.21
CA HIS A 63 10.25 -18.94 -4.45
C HIS A 63 10.55 -18.19 -3.16
N GLN A 64 11.82 -17.91 -2.95
CA GLN A 64 12.27 -17.21 -1.74
C GLN A 64 11.54 -15.88 -1.55
N THR A 65 11.33 -15.16 -2.65
CA THR A 65 10.72 -13.83 -2.57
C THR A 65 9.22 -13.89 -2.28
N TYR A 66 8.56 -14.94 -2.76
CA TYR A 66 7.13 -15.12 -2.48
C TYR A 66 6.94 -15.45 -1.00
N CYS A 67 7.81 -16.30 -0.48
CA CYS A 67 7.82 -16.63 0.94
C CYS A 67 8.01 -15.37 1.78
N GLN A 68 8.90 -14.49 1.32
CA GLN A 68 9.17 -13.23 1.99
C GLN A 68 7.93 -12.36 2.07
N ARG A 69 7.28 -12.16 0.92
CA ARG A 69 6.09 -11.33 0.85
C ARG A 69 5.01 -11.88 1.78
N THR A 70 4.91 -13.21 1.82
CA THR A 70 3.86 -13.87 2.59
C THR A 70 4.09 -13.73 4.09
N LEU A 71 5.33 -13.89 4.54
CA LEU A 71 5.63 -13.83 5.97
C LEU A 71 5.52 -12.39 6.48
N ARG A 72 6.00 -11.43 5.69
CA ARG A 72 5.93 -10.03 6.06
C ARG A 72 4.50 -9.57 6.26
N GLU A 73 3.67 -9.82 5.26
CA GLU A 73 2.28 -9.39 5.32
C GLU A 73 1.53 -10.04 6.46
N ILE A 74 1.80 -11.31 6.71
CA ILE A 74 1.13 -12.02 7.79
C ILE A 74 1.57 -11.47 9.16
N LYS A 75 2.87 -11.33 9.36
CA LYS A 75 3.42 -10.87 10.63
C LYS A 75 2.93 -9.46 10.98
N ILE A 76 3.03 -8.56 10.03
CA ILE A 76 2.66 -7.17 10.26
C ILE A 76 1.16 -6.98 10.45
N LEU A 77 0.35 -7.59 9.58
CA LEU A 77 -1.10 -7.37 9.64
C LEU A 77 -1.74 -8.00 10.88
N LEU A 78 -1.19 -9.12 11.35
CA LEU A 78 -1.71 -9.77 12.55
C LEU A 78 -1.46 -8.89 13.77
N ARG A 79 -0.51 -7.97 13.65
CA ARG A 79 -0.11 -7.13 14.78
C ARG A 79 -0.63 -5.70 14.67
N PHE A 80 -1.13 -5.33 13.51
CA PHE A 80 -1.77 -4.02 13.32
C PHE A 80 -3.25 -4.09 13.67
N ARG A 81 -3.77 -3.01 14.24
CA ARG A 81 -5.20 -2.87 14.48
C ARG A 81 -5.59 -1.41 14.32
N HIS A 82 -6.12 -1.07 13.14
CA HIS A 82 -6.48 0.30 12.82
C HIS A 82 -7.65 0.31 11.84
N GLU A 83 -8.56 1.26 12.02
CA GLU A 83 -9.77 1.37 11.20
C GLU A 83 -9.46 1.44 9.70
N ASN A 84 -8.35 2.08 9.34
CA ASN A 84 -7.98 2.30 7.95
C ASN A 84 -6.89 1.35 7.46
N ILE A 85 -6.77 0.21 8.11
CA ILE A 85 -5.86 -0.84 7.69
C ILE A 85 -6.57 -2.20 7.74
N ILE A 86 -6.50 -2.95 6.65
CA ILE A 86 -7.19 -4.23 6.57
C ILE A 86 -6.66 -5.18 7.64
N GLY A 87 -7.56 -5.92 8.27
CA GLY A 87 -7.17 -6.91 9.26
C GLY A 87 -7.10 -8.30 8.67
N ILE A 88 -6.47 -9.22 9.40
CA ILE A 88 -6.52 -10.63 9.06
C ILE A 88 -7.38 -11.33 10.11
N ASN A 89 -8.48 -11.91 9.67
CA ASN A 89 -9.41 -12.62 10.54
C ASN A 89 -9.01 -14.05 10.85
N ASP A 90 -8.40 -14.71 9.87
CA ASP A 90 -8.15 -16.14 9.95
C ASP A 90 -7.13 -16.55 8.89
N ILE A 91 -6.44 -17.66 9.12
CA ILE A 91 -5.53 -18.19 8.11
C ILE A 91 -5.66 -19.71 7.99
N ILE A 92 -5.91 -20.17 6.77
CA ILE A 92 -6.03 -21.59 6.49
C ILE A 92 -4.78 -22.12 5.82
N ARG A 93 -4.29 -23.26 6.32
CA ARG A 93 -3.24 -24.03 5.64
C ARG A 93 -3.21 -25.44 6.21
N ALA A 94 -2.52 -26.35 5.52
CA ALA A 94 -2.56 -27.77 5.86
C ALA A 94 -2.02 -28.02 7.27
N PRO A 95 -2.46 -29.13 7.89
CA PRO A 95 -2.10 -29.46 9.28
C PRO A 95 -0.63 -29.85 9.48
N THR A 96 0.08 -30.20 8.40
CA THR A 96 1.51 -30.46 8.51
C THR A 96 2.29 -29.65 7.48
N ILE A 97 3.51 -29.29 7.87
CA ILE A 97 4.38 -28.47 7.03
C ILE A 97 4.62 -29.11 5.67
N GLU A 98 4.69 -30.44 5.62
CA GLU A 98 4.88 -31.15 4.36
C GLU A 98 3.68 -30.97 3.42
N GLN A 99 2.48 -31.04 4.00
CA GLN A 99 1.24 -30.93 3.22
C GLN A 99 0.96 -29.50 2.76
N MET A 100 1.62 -28.53 3.39
CA MET A 100 1.34 -27.12 3.14
C MET A 100 1.94 -26.62 1.83
N LYS A 101 1.08 -26.37 0.85
CA LYS A 101 1.50 -25.80 -0.43
C LYS A 101 0.89 -24.42 -0.64
N ASP A 102 -0.28 -24.20 -0.05
CA ASP A 102 -0.99 -22.94 -0.19
C ASP A 102 -1.29 -22.32 1.16
N VAL A 103 -1.45 -21.00 1.17
CA VAL A 103 -1.88 -20.27 2.36
C VAL A 103 -3.08 -19.40 1.99
N TYR A 104 -4.14 -19.48 2.79
CA TYR A 104 -5.34 -18.68 2.57
C TYR A 104 -5.49 -17.63 3.66
N ILE A 105 -5.43 -16.38 3.26
CA ILE A 105 -5.54 -15.26 4.18
C ILE A 105 -6.97 -14.70 4.12
N VAL A 106 -7.70 -14.82 5.22
CA VAL A 106 -9.08 -14.35 5.29
C VAL A 106 -9.13 -12.96 5.92
N GLN A 107 -9.81 -12.03 5.25
CA GLN A 107 -9.93 -10.64 5.72
C GLN A 107 -11.38 -10.16 5.63
N ASP A 108 -11.64 -8.99 6.21
CA ASP A 108 -12.92 -8.30 6.01
C ASP A 108 -13.12 -8.06 4.53
N LEU A 109 -14.36 -8.22 4.06
CA LEU A 109 -14.65 -8.06 2.64
C LEU A 109 -14.86 -6.59 2.29
N MET A 110 -14.15 -6.13 1.27
CA MET A 110 -14.29 -4.76 0.79
C MET A 110 -14.94 -4.80 -0.59
N GLU A 111 -15.49 -3.67 -1.01
CA GLU A 111 -16.28 -3.60 -2.24
C GLU A 111 -15.46 -3.44 -3.51
N THR A 112 -14.44 -2.57 -3.45
CA THR A 112 -13.62 -2.29 -4.62
C THR A 112 -12.28 -1.71 -4.17
N ASP A 113 -11.44 -1.29 -5.12
CA ASP A 113 -10.22 -0.56 -4.78
C ASP A 113 -10.15 0.72 -5.61
N LEU A 114 -9.19 1.59 -5.29
CA LEU A 114 -9.12 2.92 -5.91
C LEU A 114 -8.71 2.85 -7.38
N TYR A 115 -7.98 1.81 -7.75
CA TYR A 115 -7.60 1.61 -9.15
C TYR A 115 -8.82 1.40 -10.06
N LYS A 116 -9.72 0.52 -9.65
CA LYS A 116 -10.94 0.26 -10.42
C LYS A 116 -11.86 1.46 -10.42
N LEU A 117 -12.03 2.07 -9.24
CA LEU A 117 -12.88 3.25 -9.10
CA LEU A 117 -12.89 3.23 -9.12
C LEU A 117 -12.43 4.33 -10.07
N LEU A 118 -11.15 4.68 -10.03
CA LEU A 118 -10.60 5.75 -10.85
C LEU A 118 -10.56 5.41 -12.32
N LYS A 119 -10.66 4.13 -12.65
CA LYS A 119 -10.60 3.71 -14.04
C LYS A 119 -11.80 4.25 -14.83
N THR A 120 -12.92 4.47 -14.13
CA THR A 120 -14.16 4.81 -14.81
C THR A 120 -15.01 5.84 -14.08
N GLN A 121 -14.67 6.18 -12.84
CA GLN A 121 -15.56 6.98 -12.00
C GLN A 121 -14.95 8.32 -11.57
N HIS A 122 -15.78 9.35 -11.64
CA HIS A 122 -15.39 10.70 -11.25
C HIS A 122 -15.59 10.89 -9.75
N LEU A 123 -14.63 11.56 -9.11
CA LEU A 123 -14.71 11.84 -7.68
C LEU A 123 -14.88 13.33 -7.44
N SER A 124 -15.78 13.70 -6.54
CA SER A 124 -15.95 15.10 -6.18
C SER A 124 -14.77 15.51 -5.31
N ASN A 125 -14.57 16.81 -5.13
CA ASN A 125 -13.48 17.30 -4.32
C ASN A 125 -13.62 16.83 -2.88
N ASP A 126 -14.87 16.59 -2.45
CA ASP A 126 -15.14 16.13 -1.11
C ASP A 126 -14.74 14.67 -0.92
N HIS A 127 -15.01 13.83 -1.91
CA HIS A 127 -14.55 12.45 -1.88
C HIS A 127 -13.02 12.40 -1.85
N ILE A 128 -12.39 13.17 -2.74
CA ILE A 128 -10.94 13.19 -2.81
C ILE A 128 -10.36 13.58 -1.45
N CYS A 129 -10.94 14.60 -0.84
CA CYS A 129 -10.49 15.10 0.45
C CYS A 129 -10.62 14.05 1.55
N TYR A 130 -11.77 13.40 1.60
CA TYR A 130 -12.06 12.39 2.62
C TYR A 130 -11.17 11.16 2.45
N PHE A 131 -10.93 10.77 1.20
CA PHE A 131 -10.09 9.60 0.90
C PHE A 131 -8.64 9.88 1.29
N LEU A 132 -8.15 11.05 0.89
CA LEU A 132 -6.78 11.43 1.23
C LEU A 132 -6.62 11.44 2.74
N TYR A 133 -7.61 11.97 3.45
CA TYR A 133 -7.56 11.99 4.90
C TYR A 133 -7.40 10.58 5.46
N GLN A 134 -8.19 9.65 4.96
CA GLN A 134 -8.16 8.27 5.46
C GLN A 134 -6.85 7.55 5.14
N ILE A 135 -6.31 7.81 3.95
CA ILE A 135 -5.01 7.26 3.57
C ILE A 135 -3.97 7.71 4.60
N LEU A 136 -3.98 9.00 4.91
CA LEU A 136 -2.99 9.58 5.81
C LEU A 136 -3.20 9.16 7.27
N ARG A 137 -4.45 8.95 7.66
CA ARG A 137 -4.74 8.50 9.02
C ARG A 137 -4.19 7.08 9.19
N GLY A 138 -4.36 6.27 8.16
CA GLY A 138 -3.80 4.94 8.14
C GLY A 138 -2.28 4.98 8.17
N LEU A 139 -1.70 5.84 7.35
CA LEU A 139 -0.25 5.91 7.23
C LEU A 139 0.40 6.41 8.52
N LYS A 140 -0.32 7.27 9.26
CA LYS A 140 0.18 7.81 10.51
C LYS A 140 0.43 6.68 11.49
N TYR A 141 -0.51 5.73 11.54
CA TYR A 141 -0.38 4.55 12.39
C TYR A 141 0.77 3.66 11.90
N ILE A 142 0.79 3.35 10.61
CA ILE A 142 1.85 2.52 10.04
C ILE A 142 3.23 3.08 10.43
N HIS A 143 3.43 4.36 10.14
CA HIS A 143 4.70 5.01 10.38
C HIS A 143 5.02 5.15 11.87
N SER A 144 3.99 5.24 12.71
CA SER A 144 4.20 5.35 14.15
C SER A 144 4.76 4.05 14.70
N ALA A 145 4.41 2.95 14.04
CA ALA A 145 4.93 1.64 14.38
C ALA A 145 6.32 1.44 13.77
N ASN A 146 6.89 2.52 13.24
CA ASN A 146 8.19 2.45 12.60
C ASN A 146 8.18 1.43 11.45
N VAL A 147 7.09 1.41 10.70
CA VAL A 147 6.98 0.54 9.52
C VAL A 147 6.84 1.41 8.25
N LEU A 148 7.49 0.99 7.18
CA LEU A 148 7.30 1.56 5.85
C LEU A 148 6.48 0.60 5.00
N HIS A 149 5.44 1.10 4.33
CA HIS A 149 4.63 0.25 3.44
C HIS A 149 5.39 -0.08 2.16
N ARG A 150 5.98 0.93 1.55
CA ARG A 150 6.85 0.78 0.38
C ARG A 150 6.14 0.47 -0.96
N ASP A 151 4.85 0.16 -0.95
CA ASP A 151 4.18 -0.19 -2.19
C ASP A 151 2.78 0.38 -2.31
N LEU A 152 2.56 1.58 -1.78
CA LEU A 152 1.25 2.20 -1.85
C LEU A 152 0.90 2.55 -3.30
N LYS A 153 -0.33 2.24 -3.66
CA LYS A 153 -0.84 2.46 -5.01
C LYS A 153 -2.37 2.37 -4.97
N PRO A 154 -3.05 2.87 -6.01
CA PRO A 154 -4.51 2.85 -6.02
C PRO A 154 -5.10 1.45 -5.81
N SER A 155 -4.45 0.42 -6.34
CA SER A 155 -5.02 -0.93 -6.31
C SER A 155 -4.97 -1.60 -4.93
N ASN A 156 -4.18 -1.08 -4.02
CA ASN A 156 -4.22 -1.61 -2.66
C ASN A 156 -4.80 -0.62 -1.64
N LEU A 157 -5.54 0.36 -2.15
CA LEU A 157 -6.42 1.14 -1.30
C LEU A 157 -7.84 0.62 -1.49
N LEU A 158 -8.31 -0.15 -0.51
CA LEU A 158 -9.64 -0.75 -0.57
C LEU A 158 -10.71 0.24 -0.12
N LEU A 159 -11.89 0.14 -0.72
CA LEU A 159 -13.03 0.93 -0.31
C LEU A 159 -14.22 0.02 -0.13
N ASN A 160 -15.07 0.32 0.85
CA ASN A 160 -16.35 -0.34 0.93
C ASN A 160 -17.42 0.62 0.43
N THR A 161 -18.68 0.26 0.56
CA THR A 161 -19.74 1.06 -0.06
C THR A 161 -20.10 2.31 0.76
N THR A 162 -19.63 2.40 2.01
CA THR A 162 -19.82 3.62 2.80
C THR A 162 -18.63 4.57 2.70
N CYS A 163 -17.75 4.34 1.73
CA CYS A 163 -16.58 5.19 1.52
C CYS A 163 -15.55 5.02 2.63
N ASP A 164 -15.60 3.91 3.35
CA ASP A 164 -14.52 3.56 4.27
C ASP A 164 -13.33 3.07 3.45
N LEU A 165 -12.14 3.53 3.82
CA LEU A 165 -10.93 3.18 3.08
C LEU A 165 -9.97 2.41 3.98
N LYS A 166 -9.37 1.36 3.43
CA LYS A 166 -8.44 0.52 4.17
CA LYS A 166 -8.43 0.54 4.18
C LYS A 166 -7.24 0.16 3.31
N ILE A 167 -6.05 0.39 3.85
CA ILE A 167 -4.81 0.04 3.15
C ILE A 167 -4.57 -1.45 3.29
N CYS A 168 -4.17 -2.10 2.20
CA CYS A 168 -3.85 -3.52 2.24
C CYS A 168 -2.53 -3.80 1.52
N ASP A 169 -2.23 -5.08 1.32
CA ASP A 169 -1.11 -5.49 0.48
C ASP A 169 0.23 -5.08 1.10
N PHE A 170 0.56 -5.70 2.24
CA PHE A 170 1.76 -5.35 3.00
C PHE A 170 2.94 -6.29 2.74
N GLY A 171 2.91 -6.98 1.60
CA GLY A 171 3.95 -7.95 1.25
C GLY A 171 5.34 -7.35 1.12
N LEU A 172 5.41 -6.03 0.88
CA LEU A 172 6.71 -5.36 0.75
C LEU A 172 7.03 -4.47 1.94
N ALA A 173 6.19 -4.48 2.97
CA ALA A 173 6.40 -3.60 4.12
C ALA A 173 7.60 -4.05 4.94
N ARG A 174 8.28 -3.08 5.55
CA ARG A 174 9.51 -3.34 6.29
C ARG A 174 9.62 -2.40 7.47
N VAL A 175 10.15 -2.87 8.59
CA VAL A 175 10.49 -1.98 9.68
C VAL A 175 11.43 -0.94 9.08
N ALA A 176 11.23 0.31 9.48
CA ALA A 176 12.03 1.41 8.94
C ALA A 176 13.39 1.42 9.61
N ASP A 177 13.94 0.23 9.85
CA ASP A 177 15.33 0.08 10.22
C ASP A 177 16.09 1.13 9.42
N PRO A 178 16.34 2.30 10.04
CA PRO A 178 16.84 3.47 9.32
C PRO A 178 17.98 3.16 8.36
N ASP A 179 18.61 2.00 8.53
CA ASP A 179 19.61 1.51 7.57
C ASP A 179 19.05 0.32 6.78
N HIS A 180 19.62 -0.86 7.01
CA HIS A 180 19.23 -2.06 6.26
C HIS A 180 19.43 -1.89 4.75
N ASP A 181 20.00 -2.91 4.12
CA ASP A 181 20.16 -2.92 2.68
C ASP A 181 19.25 -4.00 2.08
N HIS A 182 18.12 -3.58 1.53
CA HIS A 182 17.18 -4.50 0.92
C HIS A 182 17.46 -4.68 -0.57
N THR A 183 18.37 -5.59 -0.89
CA THR A 183 18.76 -5.84 -2.28
C THR A 183 17.69 -6.66 -3.00
N GLY A 184 17.75 -6.65 -4.34
CA GLY A 184 16.82 -7.42 -5.15
C GLY A 184 15.45 -6.77 -5.27
N PHE A 185 15.13 -5.89 -4.33
CA PHE A 185 13.83 -5.24 -4.26
C PHE A 185 13.45 -4.53 -5.56
N LEU A 186 14.44 -3.95 -6.23
CA LEU A 186 14.19 -3.13 -7.42
C LEU A 186 14.05 -3.95 -8.69
N THR A 187 14.67 -5.13 -8.75
CA THR A 187 14.64 -5.95 -9.95
C THR A 187 13.58 -7.04 -9.85
N GLU A 188 12.91 -7.08 -8.70
CA GLU A 188 11.82 -7.99 -8.44
C GLU A 188 10.57 -7.51 -9.19
N TYR A 189 9.76 -8.43 -9.68
CA TYR A 189 8.58 -8.03 -10.46
C TYR A 189 7.47 -7.47 -9.56
N VAL A 190 6.92 -6.34 -9.98
CA VAL A 190 5.66 -5.84 -9.44
C VAL A 190 4.82 -5.31 -10.59
N ALA A 191 3.51 -5.20 -10.36
CA ALA A 191 2.58 -4.86 -11.43
C ALA A 191 2.71 -3.42 -11.90
N THR A 192 3.23 -2.55 -11.02
CA THR A 192 3.43 -1.15 -11.40
C THR A 192 4.46 -0.44 -10.52
N ARG A 193 5.26 0.40 -11.16
CA ARG A 193 6.32 1.15 -10.50
C ARG A 193 6.02 2.65 -10.51
N TRP A 194 4.83 3.02 -10.98
CA TRP A 194 4.47 4.41 -11.20
C TRP A 194 4.35 5.27 -9.93
N TYR A 195 4.35 4.63 -8.76
CA TYR A 195 4.10 5.33 -7.50
C TYR A 195 5.33 5.35 -6.61
N ARG A 196 6.46 4.92 -7.16
CA ARG A 196 7.70 4.85 -6.40
C ARG A 196 8.47 6.16 -6.43
N ALA A 197 9.01 6.53 -5.28
CA ALA A 197 9.77 7.76 -5.14
C ALA A 197 11.07 7.67 -5.97
N PRO A 198 11.56 8.82 -6.45
CA PRO A 198 12.76 8.80 -7.31
C PRO A 198 13.99 8.19 -6.64
N GLU A 199 14.12 8.33 -5.33
CA GLU A 199 15.30 7.80 -4.64
C GLU A 199 15.28 6.28 -4.61
N ILE A 200 14.10 5.68 -4.49
CA ILE A 200 14.01 4.22 -4.43
C ILE A 200 14.20 3.63 -5.83
N MET A 201 13.75 4.34 -6.85
CA MET A 201 13.95 3.88 -8.23
C MET A 201 15.43 3.90 -8.59
N LEU A 202 16.18 4.77 -7.92
CA LEU A 202 17.61 4.93 -8.19
C LEU A 202 18.46 4.09 -7.24
N ASN A 203 17.79 3.37 -6.34
CA ASN A 203 18.46 2.38 -5.50
C ASN A 203 19.33 3.01 -4.41
N SER A 204 18.89 4.13 -3.86
CA SER A 204 19.62 4.76 -2.77
C SER A 204 19.29 4.10 -1.44
N LYS A 205 20.22 3.29 -0.94
CA LYS A 205 20.08 2.71 0.38
C LYS A 205 20.02 3.83 1.41
N GLY A 206 19.11 3.69 2.37
CA GLY A 206 18.97 4.66 3.43
C GLY A 206 17.76 5.57 3.29
N TYR A 207 16.86 5.23 2.37
CA TYR A 207 15.63 5.98 2.19
C TYR A 207 14.74 5.83 3.42
N THR A 208 13.73 6.69 3.55
CA THR A 208 12.96 6.79 4.79
C THR A 208 11.45 6.70 4.56
N LYS A 209 10.69 7.09 5.58
CA LYS A 209 9.23 7.10 5.52
C LYS A 209 8.72 7.99 4.40
N SER A 210 9.55 8.93 3.95
CA SER A 210 9.14 9.88 2.94
C SER A 210 8.77 9.21 1.61
N ILE A 211 9.25 7.99 1.39
CA ILE A 211 8.90 7.30 0.15
C ILE A 211 7.40 7.04 0.09
N ASP A 212 6.80 6.72 1.23
CA ASP A 212 5.36 6.50 1.30
C ASP A 212 4.61 7.79 1.01
N ILE A 213 5.11 8.90 1.55
CA ILE A 213 4.48 10.19 1.30
C ILE A 213 4.46 10.48 -0.20
N TRP A 214 5.57 10.21 -0.89
CA TRP A 214 5.64 10.40 -2.33
C TRP A 214 4.54 9.59 -3.02
N SER A 215 4.43 8.31 -2.67
CA SER A 215 3.40 7.45 -3.23
C SER A 215 2.01 8.06 -3.05
N VAL A 216 1.74 8.56 -1.85
CA VAL A 216 0.44 9.16 -1.55
C VAL A 216 0.23 10.38 -2.46
N GLY A 217 1.29 11.14 -2.68
CA GLY A 217 1.23 12.30 -3.56
C GLY A 217 0.82 11.88 -4.95
N CYS A 218 1.38 10.78 -5.44
CA CYS A 218 1.07 10.27 -6.76
C CYS A 218 -0.41 9.85 -6.82
N ILE A 219 -0.91 9.30 -5.71
CA ILE A 219 -2.28 8.85 -5.64
C ILE A 219 -3.24 10.04 -5.63
N LEU A 220 -2.87 11.10 -4.94
CA LEU A 220 -3.69 12.31 -4.89
C LEU A 220 -3.80 12.92 -6.29
N ALA A 221 -2.66 13.05 -6.96
CA ALA A 221 -2.62 13.51 -8.35
C ALA A 221 -3.62 12.74 -9.21
N GLU A 222 -3.64 11.43 -9.03
CA GLU A 222 -4.47 10.56 -9.86
C GLU A 222 -5.95 10.73 -9.54
N MET A 223 -6.28 11.02 -8.29
CA MET A 223 -7.67 11.25 -7.92
C MET A 223 -8.18 12.53 -8.56
N LEU A 224 -7.29 13.50 -8.68
CA LEU A 224 -7.62 14.79 -9.29
C LEU A 224 -7.94 14.69 -10.79
N SER A 225 -7.35 13.73 -11.49
CA SER A 225 -7.41 13.73 -12.95
C SER A 225 -7.81 12.39 -13.57
N ASN A 226 -7.95 11.36 -12.74
CA ASN A 226 -8.20 10.00 -13.22
C ASN A 226 -7.14 9.53 -14.21
N ARG A 227 -5.91 10.01 -14.04
CA ARG A 227 -4.76 9.54 -14.82
C ARG A 227 -3.51 9.53 -13.96
N PRO A 228 -2.64 8.52 -14.16
CA PRO A 228 -1.38 8.52 -13.41
C PRO A 228 -0.53 9.72 -13.82
N ILE A 229 0.17 10.32 -12.86
CA ILE A 229 0.91 11.55 -13.13
C ILE A 229 2.31 11.28 -13.70
N PHE A 230 2.93 10.18 -13.28
CA PHE A 230 4.27 9.81 -13.76
C PHE A 230 4.29 8.39 -14.31
N PRO A 231 3.59 8.13 -15.42
CA PRO A 231 3.73 6.79 -15.99
C PRO A 231 5.11 6.61 -16.65
N GLY A 232 5.30 5.53 -17.38
CA GLY A 232 6.58 5.26 -18.02
C GLY A 232 6.82 3.79 -18.17
N LYS A 233 7.62 3.43 -19.19
CA LYS A 233 7.89 2.03 -19.49
C LYS A 233 8.95 1.45 -18.56
N HIS A 234 9.74 2.34 -17.94
CA HIS A 234 10.78 1.93 -17.01
C HIS A 234 11.26 3.12 -16.20
N TYR A 235 12.20 2.88 -15.29
CA TYR A 235 12.57 3.89 -14.31
C TYR A 235 13.20 5.12 -14.94
N LEU A 236 13.92 4.95 -16.05
CA LEU A 236 14.54 6.09 -16.74
C LEU A 236 13.46 6.96 -17.38
N ASP A 237 12.50 6.33 -18.03
CA ASP A 237 11.37 7.03 -18.65
C ASP A 237 10.52 7.69 -17.58
N GLN A 238 10.43 7.04 -16.41
CA GLN A 238 9.63 7.55 -15.31
C GLN A 238 10.26 8.80 -14.73
N LEU A 239 11.58 8.81 -14.67
CA LEU A 239 12.33 9.97 -14.21
C LEU A 239 12.14 11.12 -15.17
N ASN A 240 12.03 10.81 -16.47
CA ASN A 240 11.78 11.83 -17.47
C ASN A 240 10.40 12.48 -17.29
N HIS A 241 9.43 11.70 -16.85
CA HIS A 241 8.10 12.23 -16.56
C HIS A 241 8.17 13.13 -15.32
N ILE A 242 8.82 12.62 -14.28
CA ILE A 242 8.94 13.34 -13.02
C ILE A 242 9.65 14.68 -13.21
N LEU A 243 10.77 14.68 -13.92
CA LEU A 243 11.57 15.89 -14.11
C LEU A 243 10.87 16.87 -15.04
N GLY A 244 10.09 16.33 -15.97
CA GLY A 244 9.32 17.14 -16.89
C GLY A 244 8.27 18.00 -16.19
N ILE A 245 7.87 17.60 -14.99
CA ILE A 245 6.85 18.34 -14.24
C ILE A 245 7.41 19.09 -13.03
N LEU A 246 8.26 18.43 -12.24
CA LEU A 246 8.85 19.07 -11.06
C LEU A 246 10.00 20.00 -11.45
N GLY A 247 10.50 19.85 -12.67
CA GLY A 247 11.67 20.58 -13.11
C GLY A 247 12.95 19.86 -12.71
N SER A 248 14.09 20.36 -13.18
CA SER A 248 15.36 19.72 -12.91
C SER A 248 15.70 19.79 -11.43
N PRO A 249 16.38 18.75 -10.92
CA PRO A 249 16.82 18.72 -9.53
C PRO A 249 18.13 19.49 -9.33
N SER A 250 18.39 19.92 -8.10
CA SER A 250 19.66 20.56 -7.76
C SER A 250 20.62 19.49 -7.25
N GLN A 251 21.88 19.87 -7.07
CA GLN A 251 22.86 18.94 -6.54
C GLN A 251 22.44 18.49 -5.14
N GLU A 252 21.87 19.42 -4.38
CA GLU A 252 21.42 19.12 -3.03
C GLU A 252 20.22 18.16 -3.03
N ASP A 253 19.38 18.25 -4.06
CA ASP A 253 18.28 17.30 -4.20
C ASP A 253 18.83 15.88 -4.33
N LEU A 254 19.92 15.76 -5.08
CA LEU A 254 20.52 14.48 -5.37
C LEU A 254 21.36 13.97 -4.19
N ASN A 255 21.18 14.58 -3.03
CA ASN A 255 21.87 14.15 -1.83
C ASN A 255 21.59 12.68 -1.54
N CYS A 256 20.38 12.24 -1.89
CA CYS A 256 19.94 10.89 -1.58
C CYS A 256 20.10 9.96 -2.78
N ILE A 257 20.66 10.47 -3.87
CA ILE A 257 21.00 9.65 -5.02
C ILE A 257 22.48 9.28 -4.93
N ILE A 258 22.75 8.04 -4.54
CA ILE A 258 24.11 7.65 -4.20
C ILE A 258 24.91 7.03 -5.36
N ASN A 259 24.26 6.29 -6.26
CA ASN A 259 25.00 5.75 -7.40
C ASN A 259 25.65 6.90 -8.17
N LEU A 260 26.92 6.72 -8.51
CA LEU A 260 27.74 7.78 -9.11
C LEU A 260 27.28 8.13 -10.52
N LYS A 261 27.10 7.12 -11.36
CA LYS A 261 26.71 7.34 -12.75
C LYS A 261 25.27 7.85 -12.85
N ALA A 262 24.40 7.35 -11.98
CA ALA A 262 23.01 7.78 -11.96
C ALA A 262 22.94 9.25 -11.56
N ARG A 263 23.74 9.62 -10.58
CA ARG A 263 23.81 11.01 -10.13
C ARG A 263 24.30 11.92 -11.26
N ASN A 264 25.37 11.50 -11.93
CA ASN A 264 25.93 12.31 -13.01
C ASN A 264 25.00 12.36 -14.22
N TYR A 265 24.32 11.25 -14.49
CA TYR A 265 23.32 11.17 -15.54
C TYR A 265 22.23 12.22 -15.33
N LEU A 266 21.68 12.26 -14.11
CA LEU A 266 20.62 13.19 -13.77
C LEU A 266 21.06 14.64 -13.90
N LEU A 267 22.25 14.94 -13.36
CA LEU A 267 22.75 16.32 -13.36
C LEU A 267 23.19 16.75 -14.76
N SER A 268 23.30 15.79 -15.68
CA SER A 268 23.74 16.09 -17.04
C SER A 268 22.58 16.44 -17.96
N LEU A 269 21.37 16.02 -17.58
CA LEU A 269 20.20 16.17 -18.45
C LEU A 269 19.92 17.64 -18.78
N PRO A 270 19.26 17.88 -19.92
CA PRO A 270 18.79 19.22 -20.30
C PRO A 270 17.94 19.83 -19.20
N HIS A 271 18.11 21.13 -18.95
CA HIS A 271 17.35 21.78 -17.89
C HIS A 271 15.85 21.74 -18.16
N LYS A 272 15.07 21.65 -17.09
CA LYS A 272 13.62 21.58 -17.18
C LYS A 272 13.02 22.55 -16.18
N ASN A 273 12.12 23.41 -16.64
CA ASN A 273 11.38 24.27 -15.74
C ASN A 273 10.25 23.49 -15.08
N LYS A 274 9.82 23.94 -13.91
CA LYS A 274 8.67 23.39 -13.23
C LYS A 274 7.39 23.76 -13.98
N VAL A 275 6.47 22.81 -14.08
CA VAL A 275 5.13 23.08 -14.59
C VAL A 275 4.20 23.34 -13.41
N PRO A 276 3.59 24.53 -13.35
CA PRO A 276 2.69 24.82 -12.24
C PRO A 276 1.59 23.77 -12.10
N TRP A 277 1.25 23.43 -10.87
CA TRP A 277 0.24 22.40 -10.61
C TRP A 277 -1.13 22.78 -11.16
N ASN A 278 -1.48 24.06 -11.14
CA ASN A 278 -2.79 24.50 -11.62
C ASN A 278 -2.91 24.46 -13.14
N ARG A 279 -1.77 24.39 -13.82
CA ARG A 279 -1.77 24.22 -15.27
C ARG A 279 -2.11 22.78 -15.63
N LEU A 280 -1.67 21.83 -14.81
CA LEU A 280 -1.95 20.43 -15.03
C LEU A 280 -3.30 20.03 -14.43
N PHE A 281 -3.68 20.74 -13.38
CA PHE A 281 -4.91 20.45 -12.64
C PHE A 281 -5.72 21.75 -12.51
N PRO A 282 -6.24 22.23 -13.65
CA PRO A 282 -6.88 23.54 -13.79
C PRO A 282 -8.15 23.72 -12.96
N ASN A 283 -8.77 22.63 -12.53
CA ASN A 283 -10.03 22.72 -11.80
C ASN A 283 -9.96 22.16 -10.38
N ALA A 284 -8.75 21.89 -9.90
CA ALA A 284 -8.57 21.32 -8.58
C ALA A 284 -8.62 22.40 -7.51
N ASP A 285 -9.06 22.01 -6.32
CA ASP A 285 -8.94 22.84 -5.12
C ASP A 285 -7.49 23.30 -5.02
N SER A 286 -7.29 24.58 -4.73
CA SER A 286 -5.94 25.14 -4.69
C SER A 286 -5.20 24.72 -3.43
N LYS A 287 -5.96 24.32 -2.41
CA LYS A 287 -5.37 23.77 -1.18
C LYS A 287 -4.90 22.35 -1.42
N ALA A 288 -5.61 21.62 -2.27
CA ALA A 288 -5.21 20.27 -2.65
C ALA A 288 -3.89 20.34 -3.41
N LEU A 289 -3.75 21.34 -4.28
CA LEU A 289 -2.55 21.51 -5.08
C LEU A 289 -1.36 21.94 -4.23
N ASP A 290 -1.64 22.65 -3.15
CA ASP A 290 -0.59 23.12 -2.25
C ASP A 290 -0.02 21.94 -1.46
N LEU A 291 -0.93 21.09 -0.97
CA LEU A 291 -0.53 19.88 -0.25
C LEU A 291 0.21 18.94 -1.20
N LEU A 292 -0.31 18.80 -2.42
CA LEU A 292 0.30 17.95 -3.45
C LEU A 292 1.73 18.39 -3.73
N ASP A 293 1.92 19.71 -3.79
CA ASP A 293 3.23 20.28 -4.07
C ASP A 293 4.21 19.91 -2.96
N LYS A 294 3.69 19.79 -1.74
CA LYS A 294 4.53 19.51 -0.58
C LYS A 294 4.82 18.02 -0.41
N MET A 295 4.04 17.17 -1.06
CA MET A 295 4.26 15.72 -1.01
CA MET A 295 4.26 15.72 -1.01
C MET A 295 5.17 15.27 -2.15
N LEU A 296 4.97 15.86 -3.33
CA LEU A 296 5.76 15.51 -4.51
C LEU A 296 6.96 16.42 -4.67
N THR A 297 7.83 16.45 -3.66
CA THR A 297 9.09 17.16 -3.78
C THR A 297 10.19 16.13 -4.04
N PHE A 298 11.07 16.42 -4.98
CA PHE A 298 12.14 15.49 -5.34
C PHE A 298 13.05 15.13 -4.16
N ASN A 299 13.46 16.16 -3.40
CA ASN A 299 14.30 15.97 -2.22
C ASN A 299 13.50 15.29 -1.11
N PRO A 300 13.88 14.04 -0.75
CA PRO A 300 13.13 13.26 0.25
C PRO A 300 13.03 13.95 1.61
N HIS A 301 14.08 14.68 1.99
CA HIS A 301 14.15 15.25 3.32
C HIS A 301 13.28 16.50 3.47
N LYS A 302 12.86 17.05 2.34
CA LYS A 302 12.02 18.26 2.37
C LYS A 302 10.54 17.94 2.15
N ARG A 303 10.22 16.66 1.98
CA ARG A 303 8.84 16.25 1.86
C ARG A 303 8.12 16.43 3.18
N ILE A 304 6.88 16.88 3.12
CA ILE A 304 6.05 16.98 4.32
C ILE A 304 5.89 15.55 4.86
N GLU A 305 5.96 15.41 6.18
CA GLU A 305 5.71 14.11 6.83
C GLU A 305 4.24 14.00 7.22
N VAL A 306 3.84 12.80 7.64
CA VAL A 306 2.42 12.46 7.72
C VAL A 306 1.62 13.28 8.76
N GLU A 307 2.24 13.62 9.88
CA GLU A 307 1.55 14.39 10.92
C GLU A 307 1.23 15.80 10.45
N GLN A 308 2.22 16.46 9.85
CA GLN A 308 2.04 17.82 9.36
C GLN A 308 1.09 17.83 8.18
N ALA A 309 1.06 16.74 7.42
CA ALA A 309 0.19 16.64 6.26
C ALA A 309 -1.29 16.56 6.70
N LEU A 310 -1.54 15.81 7.77
CA LEU A 310 -2.89 15.72 8.33
C LEU A 310 -3.35 17.07 8.86
N ALA A 311 -2.40 17.93 9.21
CA ALA A 311 -2.71 19.25 9.75
C ALA A 311 -2.78 20.31 8.63
N HIS A 312 -2.68 19.88 7.38
CA HIS A 312 -2.77 20.79 6.25
C HIS A 312 -4.20 21.33 6.12
N PRO A 313 -4.34 22.63 5.80
CA PRO A 313 -5.65 23.27 5.64
C PRO A 313 -6.64 22.52 4.75
N TYR A 314 -6.14 21.72 3.81
CA TYR A 314 -7.02 20.98 2.90
C TYR A 314 -7.85 19.94 3.65
N LEU A 315 -7.28 19.39 4.71
CA LEU A 315 -7.91 18.31 5.48
C LEU A 315 -8.52 18.76 6.81
N GLU A 316 -8.60 20.07 7.03
CA GLU A 316 -8.99 20.58 8.35
C GLU A 316 -10.38 20.11 8.80
N GLN A 317 -11.26 19.80 7.87
CA GLN A 317 -12.61 19.38 8.22
C GLN A 317 -12.65 17.96 8.82
N TYR A 318 -11.60 17.16 8.60
CA TYR A 318 -11.55 15.81 9.16
C TYR A 318 -10.43 15.65 10.19
N TYR A 319 -9.58 16.67 10.29
CA TYR A 319 -8.42 16.61 11.19
C TYR A 319 -8.86 16.55 12.66
N ASP A 320 -8.32 15.59 13.39
CA ASP A 320 -8.63 15.42 14.81
C ASP A 320 -7.63 14.49 15.47
N PRO A 321 -6.59 15.06 16.09
CA PRO A 321 -5.53 14.24 16.69
C PRO A 321 -5.94 13.48 17.95
N SER A 322 -7.18 13.68 18.40
CA SER A 322 -7.72 12.88 19.50
C SER A 322 -8.27 11.54 18.99
N ASP A 323 -8.50 11.46 17.69
CA ASP A 323 -8.98 10.23 17.07
C ASP A 323 -8.18 9.89 15.82
N GLU A 324 -6.85 9.99 15.94
CA GLU A 324 -5.93 9.52 14.92
C GLU A 324 -4.86 8.69 15.62
N PRO A 325 -5.24 7.47 16.03
CA PRO A 325 -4.44 6.58 16.87
C PRO A 325 -3.10 6.18 16.28
N ILE A 326 -2.15 5.89 17.17
CA ILE A 326 -0.84 5.43 16.80
C ILE A 326 -0.54 4.11 17.52
N ALA A 327 0.48 3.40 17.04
CA ALA A 327 0.96 2.21 17.72
C ALA A 327 1.52 2.63 19.07
N GLU A 328 1.27 1.83 20.10
CA GLU A 328 1.74 2.18 21.45
C GLU A 328 3.27 2.08 21.51
N ALA A 329 3.84 1.26 20.63
CA ALA A 329 5.29 1.13 20.57
C ALA A 329 5.74 0.73 19.16
N PRO A 330 6.91 1.23 18.73
CA PRO A 330 7.46 0.88 17.42
C PRO A 330 7.64 -0.63 17.26
N PHE A 331 7.45 -1.12 16.05
CA PHE A 331 7.65 -2.53 15.77
C PHE A 331 9.14 -2.84 15.64
N LYS A 332 9.51 -4.05 16.04
CA LYS A 332 10.88 -4.54 15.88
C LYS A 332 10.80 -5.98 15.39
N PHE A 333 11.10 -6.17 14.11
CA PHE A 333 10.97 -7.48 13.50
C PHE A 333 11.74 -8.53 14.28
N ASP A 334 11.23 -9.76 14.27
CA ASP A 334 11.84 -10.84 15.04
C ASP A 334 13.28 -11.08 14.62
N MET A 335 13.47 -11.57 13.40
CA MET A 335 14.80 -11.79 12.86
C MET A 335 14.94 -11.07 11.52
N GLU A 336 15.87 -11.51 10.68
CA GLU A 336 16.05 -10.92 9.36
C GLU A 336 15.66 -11.90 8.27
N LEU A 337 14.58 -11.59 7.56
CA LEU A 337 13.97 -12.52 6.62
C LEU A 337 14.64 -12.53 5.25
N ASP A 338 15.42 -11.50 4.95
CA ASP A 338 16.00 -11.38 3.61
C ASP A 338 17.17 -12.33 3.38
N ASP A 339 17.78 -12.82 4.45
CA ASP A 339 18.91 -13.73 4.34
C ASP A 339 18.55 -15.11 4.85
N LEU A 340 17.37 -15.60 4.49
CA LEU A 340 16.90 -16.90 4.93
C LEU A 340 16.51 -17.78 3.74
N PRO A 341 16.88 -19.07 3.80
CA PRO A 341 16.47 -20.01 2.74
C PRO A 341 14.96 -20.15 2.74
N LYS A 342 14.37 -20.53 1.61
CA LYS A 342 12.92 -20.61 1.51
C LYS A 342 12.34 -21.70 2.42
N GLU A 343 13.16 -22.69 2.77
CA GLU A 343 12.72 -23.76 3.66
C GLU A 343 12.53 -23.26 5.08
N LYS A 344 13.40 -22.33 5.49
CA LYS A 344 13.30 -21.70 6.80
C LYS A 344 12.11 -20.75 6.83
N LEU A 345 11.93 -19.98 5.76
CA LEU A 345 10.81 -19.06 5.66
C LEU A 345 9.49 -19.81 5.72
N LYS A 346 9.47 -21.01 5.16
CA LYS A 346 8.26 -21.83 5.21
C LYS A 346 8.00 -22.26 6.64
N GLU A 347 9.04 -22.65 7.35
CA GLU A 347 8.92 -23.01 8.75
C GLU A 347 8.33 -21.85 9.56
N LEU A 348 8.84 -20.65 9.33
CA LEU A 348 8.39 -19.47 10.05
C LEU A 348 6.95 -19.14 9.71
N ILE A 349 6.55 -19.42 8.47
CA ILE A 349 5.18 -19.16 8.04
C ILE A 349 4.27 -20.17 8.73
N PHE A 350 4.70 -21.42 8.78
CA PHE A 350 3.97 -22.48 9.46
C PHE A 350 3.70 -22.09 10.91
N GLU A 351 4.73 -21.65 11.61
CA GLU A 351 4.62 -21.32 13.02
C GLU A 351 3.79 -20.06 13.24
N GLU A 352 3.87 -19.12 12.31
CA GLU A 352 3.13 -17.86 12.42
C GLU A 352 1.63 -18.09 12.25
N THR A 353 1.28 -19.19 11.58
CA THR A 353 -0.12 -19.48 11.27
C THR A 353 -0.68 -20.58 12.17
N ALA A 354 0.17 -21.17 12.99
CA ALA A 354 -0.20 -22.29 13.84
C ALA A 354 -1.42 -22.00 14.71
N ARG A 355 -1.55 -20.75 15.15
CA ARG A 355 -2.56 -20.40 16.14
C ARG A 355 -3.99 -20.44 15.59
N PHE A 356 -4.13 -20.45 14.27
CA PHE A 356 -5.46 -20.50 13.64
C PHE A 356 -5.92 -21.93 13.35
N GLN A 357 -5.04 -22.91 13.57
CA GLN A 357 -5.40 -24.30 13.27
C GLN A 357 -6.51 -24.80 14.20
N PRO A 358 -7.49 -25.52 13.63
CA PRO A 358 -8.54 -26.09 14.48
C PRO A 358 -7.94 -27.09 15.46
N GLY A 359 -7.75 -26.67 16.71
CA GLY A 359 -7.09 -27.50 17.70
C GLY A 359 -6.22 -26.66 18.62
N TYR A 360 -5.26 -25.95 18.06
CA TYR A 360 -4.36 -25.10 18.82
C TYR A 360 -5.02 -24.54 20.08
N LEU B 3 -21.28 5.16 -4.36
CA LEU B 3 -20.52 6.11 -3.55
C LEU B 3 -21.40 7.25 -3.08
N SER B 4 -22.13 7.01 -1.99
CA SER B 4 -23.03 7.99 -1.40
C SER B 4 -22.35 9.33 -1.15
N SER B 5 -23.11 10.28 -0.65
CA SER B 5 -22.51 11.39 0.05
C SER B 5 -21.77 10.72 1.19
N LEU B 6 -20.53 11.14 1.45
CA LEU B 6 -19.73 10.56 2.51
C LEU B 6 -20.48 10.57 3.85
N ALA B 7 -21.65 11.21 3.86
CA ALA B 7 -22.48 11.33 5.07
C ALA B 7 -22.76 10.00 5.77
N ALA B 8 -22.76 8.90 5.04
CA ALA B 8 -23.08 7.59 5.63
C ALA B 8 -21.85 6.92 6.24
N SER B 9 -20.66 7.40 5.86
CA SER B 9 -19.40 6.89 6.39
C SER B 9 -19.27 7.21 7.87
N SER B 10 -18.87 6.23 8.67
CA SER B 10 -18.87 6.38 10.12
C SER B 10 -17.82 7.39 10.60
N LEU B 11 -16.67 7.44 9.92
CA LEU B 11 -15.59 8.35 10.29
C LEU B 11 -16.00 9.79 10.02
N ALA B 12 -16.52 10.04 8.84
CA ALA B 12 -17.01 11.36 8.46
C ALA B 12 -18.13 11.79 9.40
N LYS B 13 -18.90 10.81 9.89
CA LYS B 13 -19.97 11.07 10.83
C LYS B 13 -19.42 11.47 12.19
N ARG B 14 -18.30 10.86 12.59
CA ARG B 14 -17.67 11.18 13.86
C ARG B 14 -17.10 12.59 13.81
N ARG B 15 -16.71 13.03 12.62
CA ARG B 15 -16.12 14.36 12.44
C ARG B 15 -17.22 15.41 12.31
N GLN B 16 -18.44 14.95 12.00
CA GLN B 16 -19.61 15.83 11.94
C GLN B 16 -20.10 16.21 13.33
N GLN B 17 -19.20 16.14 14.31
CA GLN B 17 -19.55 16.50 15.68
C GLN B 17 -18.59 17.55 16.23
PG ANP C . -0.19 -7.05 -5.44
O1G ANP C . 0.41 -7.87 -6.55
O2G ANP C . -1.58 -6.46 -5.88
O3G ANP C . 0.79 -5.82 -5.05
PB ANP C . -1.26 -9.42 -4.33
O1B ANP C . -0.64 -10.18 -3.07
O2B ANP C . -1.17 -10.09 -5.76
N3B ANP C . -0.40 -7.92 -4.04
PA ANP C . -3.39 -7.87 -3.23
O1A ANP C . -2.78 -6.56 -3.80
O2A ANP C . -3.38 -7.86 -1.73
O3A ANP C . -2.71 -9.21 -3.70
O5' ANP C . -4.90 -8.02 -3.68
C5' ANP C . -5.22 -7.96 -5.06
C4' ANP C . -6.51 -7.39 -5.44
O4' ANP C . -7.54 -8.11 -4.84
C3' ANP C . -6.61 -6.01 -4.88
O3' ANP C . -6.10 -5.05 -5.74
C2' ANP C . -8.00 -5.85 -4.62
O2' ANP C . -8.69 -5.45 -5.76
C1' ANP C . -8.43 -7.18 -4.21
N9 ANP C . -8.51 -7.39 -2.74
C8 ANP C . -7.50 -7.75 -1.92
N7 ANP C . -7.98 -7.83 -0.67
C5 ANP C . -9.30 -7.51 -0.68
C6 ANP C . -10.29 -7.43 0.30
N6 ANP C . -9.97 -7.71 1.67
N1 ANP C . -11.54 -7.08 -0.04
C2 ANP C . -11.84 -6.83 -1.32
N3 ANP C . -10.92 -6.90 -2.30
C4 ANP C . -9.64 -7.24 -2.01
#